data_3HJR
#
_entry.id   3HJR
#
_cell.length_a   49.820
_cell.length_b   112.056
_cell.length_c   51.881
_cell.angle_alpha   90.00
_cell.angle_beta   110.75
_cell.angle_gamma   90.00
#
_symmetry.space_group_name_H-M   'P 1 21 1'
#
loop_
_entity.id
_entity.type
_entity.pdbx_description
1 polymer 'Extracellular serine protease'
2 non-polymer 'CALCIUM ION'
3 water water
#
_entity_poly.entity_id   1
_entity_poly.type   'polypeptide(L)'
_entity_poly.pdbx_seq_one_letter_code
;NEGCAPLTGKESGMDIGRSSTERCLPGANPLQDQQWYLLNSGQDGFSARGGIAGNDLNLWWAHRTGVLGQGVNVAVVDDG
LAIAHPDLADNVRPGSKNVVTGSDDPTPTDPDTAHGTSVSGIIAAVDNAIGTKGIAPRAQLQGFNLLDDNSQQLQKDWLY
ALGDSNASRDNRVFNQSYGMSVVDPRSANSLDQSQLDRLFEQQTLKAQGAAYIKAAGNGFNKIAAGGYVLNRTGNGPKLP
FENSNLDPSNSNFWNLVVSALNADGVRSSYSSVGSNIFLSATGGEYGTDTPAMVTTDLPGCDMGYNRTDDPSTNRLHGNS
QLDASCDYNGVMNGTSSATPSTSGAMALLMSAYPDLSVRDLRDLLARSATRVDAKHQPVMVSYTSSTGKVRDVKGLEGWE
RNAAGMWFSPTYGFGLIDVNKALELAANHQPLPPLVQLPWQKINVTGSAAAIADVGNSPTSSTTRIATPLTVEAVQVMVS
LDHQRLPDLLIELVSPAGTRSILLSPFNSLVGQSLDQQQLGFVRTKGLRDMRMLSNKFYGESAQGTWRLEVTDVANGTRQ
VSLLNRETRERTTLTERNNRQPGKLISWSLRVLGHDANRS
;
_entity_poly.pdbx_strand_id   A
#
loop_
_chem_comp.id
_chem_comp.type
_chem_comp.name
_chem_comp.formula
CA non-polymer 'CALCIUM ION' 'Ca 2'
#
# COMPACT_ATOMS: atom_id res chain seq x y z
N GLY A 3 6.74 -3.22 34.15
CA GLY A 3 5.87 -4.40 34.47
C GLY A 3 5.82 -5.41 33.30
N CYS A 4 6.80 -5.29 32.42
CA CYS A 4 6.99 -6.13 31.24
C CYS A 4 8.50 -6.35 31.12
N ALA A 5 8.98 -7.49 31.59
CA ALA A 5 10.42 -7.76 31.70
C ALA A 5 10.99 -8.23 30.36
N PRO A 6 12.31 -8.18 30.20
CA PRO A 6 12.93 -8.72 28.99
C PRO A 6 12.84 -10.24 28.94
N LEU A 7 12.70 -10.79 27.74
CA LEU A 7 12.79 -12.22 27.49
C LEU A 7 14.16 -12.52 26.87
N THR A 8 14.67 -13.73 27.12
CA THR A 8 15.84 -14.25 26.40
C THR A 8 15.35 -14.85 25.08
N GLY A 9 16.24 -15.39 24.27
CA GLY A 9 15.72 -16.17 23.13
C GLY A 9 14.79 -17.35 23.48
N LYS A 10 14.93 -17.88 24.70
CA LYS A 10 14.90 -19.32 24.94
C LYS A 10 13.93 -19.81 26.02
N GLU A 11 12.76 -19.20 26.10
CA GLU A 11 11.71 -19.67 27.00
C GLU A 11 10.93 -20.78 26.27
N SER A 12 10.91 -22.01 26.79
CA SER A 12 9.98 -23.02 26.24
C SER A 12 8.58 -22.70 26.75
N GLY A 13 7.61 -23.16 25.99
CA GLY A 13 6.21 -22.88 26.29
C GLY A 13 5.80 -21.45 26.00
N MET A 14 6.66 -20.66 25.35
CA MET A 14 6.31 -19.28 24.97
C MET A 14 5.19 -19.26 23.92
N ASP A 15 4.08 -18.61 24.26
CA ASP A 15 2.98 -18.38 23.36
C ASP A 15 3.25 -17.02 22.76
N ILE A 16 3.55 -16.99 21.46
CA ILE A 16 3.93 -15.72 20.81
C ILE A 16 2.74 -15.00 20.15
N GLY A 17 1.55 -15.46 20.43
CA GLY A 17 0.34 -15.01 19.74
C GLY A 17 -0.28 -13.74 20.28
N ARG A 18 -1.38 -13.35 19.66
CA ARG A 18 -2.02 -12.07 19.91
C ARG A 18 -2.82 -12.01 21.21
N SER A 19 -2.96 -13.14 21.91
CA SER A 19 -3.71 -13.17 23.18
C SER A 19 -2.95 -13.90 24.29
N SER A 20 -1.65 -13.97 24.15
CA SER A 20 -0.78 -14.59 25.13
C SER A 20 -0.74 -13.86 26.48
N THR A 21 -0.51 -14.61 27.56
CA THR A 21 -0.29 -14.01 28.87
C THR A 21 1.05 -13.34 28.96
N GLU A 22 1.97 -13.69 28.05
CA GLU A 22 3.26 -13.02 27.96
C GLU A 22 3.30 -11.71 27.13
N ARG A 23 2.16 -11.30 26.61
CA ARG A 23 2.07 -10.19 25.69
C ARG A 23 2.05 -8.85 26.43
N CYS A 24 3.13 -8.10 26.23
CA CYS A 24 3.31 -6.76 26.80
C CYS A 24 4.47 -6.10 26.10
N LEU A 25 4.53 -4.78 26.17
CA LEU A 25 5.64 -4.01 25.64
C LEU A 25 6.51 -3.44 26.74
N PRO A 26 7.82 -3.69 26.70
CA PRO A 26 8.74 -2.99 27.61
C PRO A 26 8.74 -1.52 27.24
N GLY A 27 9.21 -0.68 28.17
CA GLY A 27 9.45 0.71 27.88
C GLY A 27 8.76 1.68 28.82
N ALA A 28 9.25 2.91 28.82
CA ALA A 28 8.74 3.95 29.71
C ALA A 28 8.26 5.16 28.91
N ASN A 29 7.90 4.92 27.64
CA ASN A 29 7.36 5.97 26.79
C ASN A 29 5.93 6.26 27.23
N PRO A 30 5.66 7.44 27.76
CA PRO A 30 4.37 7.71 28.40
C PRO A 30 3.15 7.46 27.50
N LEU A 31 3.31 7.60 26.18
CA LEU A 31 2.21 7.43 25.24
C LEU A 31 2.09 6.03 24.63
N GLN A 32 3.00 5.12 24.95
CA GLN A 32 3.02 3.84 24.21
C GLN A 32 1.75 2.98 24.38
N ASP A 33 1.11 3.04 25.53
CA ASP A 33 -0.11 2.26 25.74
C ASP A 33 -1.30 2.79 24.96
N GLN A 34 -1.15 3.93 24.28
CA GLN A 34 -2.19 4.40 23.37
C GLN A 34 -1.77 4.24 21.91
N GLN A 35 -0.63 3.59 21.66
CA GLN A 35 -0.24 3.14 20.31
C GLN A 35 -0.81 1.73 20.12
N TRP A 36 -2.08 1.66 19.72
CA TRP A 36 -2.78 0.37 19.58
C TRP A 36 -2.14 -0.50 18.50
N TYR A 37 -1.41 0.14 17.59
CA TYR A 37 -0.76 -0.57 16.49
C TYR A 37 0.46 -1.40 16.94
N LEU A 38 1.08 -0.97 18.03
CA LEU A 38 2.10 -1.79 18.69
C LEU A 38 1.49 -2.97 19.37
N LEU A 39 0.42 -2.68 20.10
CA LEU A 39 -0.28 -3.68 20.91
C LEU A 39 -1.67 -3.12 21.16
N ASN A 40 -2.68 -3.82 20.67
CA ASN A 40 -4.06 -3.38 20.66
C ASN A 40 -4.76 -4.12 21.81
N SER A 41 -5.07 -3.39 22.86
CA SER A 41 -5.80 -3.91 24.01
C SER A 41 -7.22 -3.40 24.06
N GLY A 42 -7.66 -2.80 22.96
CA GLY A 42 -8.99 -2.22 22.88
C GLY A 42 -9.00 -0.77 23.35
N GLN A 43 -7.81 -0.14 23.39
CA GLN A 43 -7.67 1.25 23.82
C GLN A 43 -8.04 2.19 22.69
N ASP A 44 -8.35 3.43 23.05
CA ASP A 44 -8.97 4.33 22.09
C ASP A 44 -8.03 5.22 21.31
N GLY A 45 -6.74 5.18 21.61
CA GLY A 45 -5.78 6.05 20.96
C GLY A 45 -6.09 7.54 21.05
N PHE A 46 -6.71 7.93 22.17
CA PHE A 46 -7.21 9.28 22.46
C PHE A 46 -8.46 9.68 21.62
N SER A 47 -9.02 8.73 20.86
CA SER A 47 -10.26 8.92 20.10
C SER A 47 -11.44 8.55 20.98
N ALA A 48 -12.65 8.63 20.43
CA ALA A 48 -13.86 8.43 21.21
C ALA A 48 -14.03 6.99 21.68
N ARG A 49 -13.51 6.03 20.93
CA ARG A 49 -13.62 4.64 21.34
C ARG A 49 -12.48 3.77 20.90
N GLY A 50 -12.33 2.63 21.60
CA GLY A 50 -11.32 1.67 21.21
C GLY A 50 -11.84 0.67 20.21
N GLY A 51 -10.90 -0.07 19.62
CA GLY A 51 -11.23 -1.16 18.72
C GLY A 51 -11.28 -2.50 19.39
N ILE A 52 -10.90 -3.56 18.66
CA ILE A 52 -10.89 -4.91 19.20
C ILE A 52 -9.45 -5.42 19.40
N ALA A 53 -9.22 -5.90 20.62
CA ALA A 53 -7.89 -6.34 21.03
C ALA A 53 -7.34 -7.41 20.09
N GLY A 54 -6.02 -7.34 19.89
CA GLY A 54 -5.29 -8.29 19.08
C GLY A 54 -4.97 -7.76 17.69
N ASN A 55 -5.69 -6.73 17.25
CA ASN A 55 -5.51 -6.20 15.90
C ASN A 55 -4.39 -5.19 15.85
N ASP A 56 -3.19 -5.72 15.67
CA ASP A 56 -1.99 -4.94 15.76
C ASP A 56 -0.88 -5.67 14.96
N LEU A 57 0.36 -5.25 15.11
CA LEU A 57 1.47 -5.83 14.34
C LEU A 57 2.07 -7.09 15.00
N ASN A 58 1.53 -7.45 16.16
CA ASN A 58 1.98 -8.60 16.99
C ASN A 58 3.51 -8.67 17.03
N LEU A 59 4.07 -7.62 17.56
CA LEU A 59 5.54 -7.40 17.61
C LEU A 59 6.09 -7.47 19.03
N TRP A 60 5.23 -7.68 20.00
CA TRP A 60 5.62 -7.63 21.41
C TRP A 60 6.80 -8.55 21.76
N TRP A 61 6.90 -9.70 21.10
CA TRP A 61 7.99 -10.64 21.40
C TRP A 61 9.32 -10.18 20.83
N ALA A 62 9.29 -9.57 19.64
CA ALA A 62 10.45 -8.82 19.16
C ALA A 62 10.94 -7.81 20.20
N HIS A 63 10.04 -6.96 20.69
CA HIS A 63 10.42 -5.92 21.65
C HIS A 63 10.95 -6.55 22.94
N ARG A 64 10.29 -7.58 23.45
CA ARG A 64 10.73 -8.17 24.70
C ARG A 64 12.09 -8.85 24.59
N THR A 65 12.44 -9.39 23.40
CA THR A 65 13.73 -10.09 23.20
C THR A 65 14.81 -9.19 22.69
N GLY A 66 14.50 -7.92 22.52
CA GLY A 66 15.53 -6.96 22.13
C GLY A 66 15.70 -6.84 20.64
N VAL A 67 14.81 -7.45 19.85
CA VAL A 67 14.74 -7.20 18.42
C VAL A 67 14.05 -5.86 18.19
N LEU A 68 14.80 -4.84 17.81
CA LEU A 68 14.32 -3.44 17.82
C LEU A 68 14.73 -2.64 16.58
N GLY A 69 15.34 -3.29 15.58
CA GLY A 69 15.71 -2.58 14.36
C GLY A 69 17.15 -2.16 14.36
N GLN A 70 17.92 -2.56 15.37
CA GLN A 70 19.36 -2.25 15.48
C GLN A 70 20.10 -2.47 14.19
N GLY A 71 20.84 -1.48 13.70
CA GLY A 71 21.69 -1.67 12.54
C GLY A 71 20.99 -1.55 11.20
N VAL A 72 19.68 -1.33 11.21
CA VAL A 72 18.94 -1.15 9.99
C VAL A 72 18.70 0.32 9.69
N ASN A 73 19.05 0.72 8.47
CA ASN A 73 18.92 2.07 7.97
C ASN A 73 17.63 2.19 7.15
N VAL A 74 16.78 3.14 7.53
CA VAL A 74 15.49 3.36 6.89
C VAL A 74 15.45 4.78 6.32
N ALA A 75 15.11 4.90 5.05
CA ALA A 75 14.92 6.19 4.38
C ALA A 75 13.45 6.58 4.34
N VAL A 76 13.12 7.80 4.73
CA VAL A 76 11.73 8.26 4.71
C VAL A 76 11.66 9.33 3.60
N VAL A 77 11.02 8.98 2.49
CA VAL A 77 10.94 9.85 1.30
C VAL A 77 9.57 10.45 1.32
N ASP A 78 9.47 11.72 1.69
CA ASP A 78 8.16 12.23 2.12
C ASP A 78 8.22 13.74 2.08
N ASP A 79 7.40 14.42 2.88
CA ASP A 79 7.32 15.88 2.82
C ASP A 79 8.34 16.60 3.69
N GLY A 80 9.13 15.84 4.45
CA GLY A 80 10.01 16.44 5.44
C GLY A 80 10.24 15.50 6.62
N LEU A 81 11.18 15.87 7.49
CA LEU A 81 11.45 15.11 8.69
C LEU A 81 12.16 16.05 9.67
N ALA A 82 11.50 16.29 10.80
CA ALA A 82 12.04 17.14 11.84
C ALA A 82 13.11 16.38 12.61
N ILE A 83 14.34 16.46 12.12
CA ILE A 83 15.40 15.60 12.63
C ILE A 83 15.85 15.92 14.05
N ALA A 84 15.45 17.09 14.55
CA ALA A 84 15.81 17.53 15.91
C ALA A 84 14.75 17.17 16.94
N HIS A 85 13.64 16.58 16.48
CA HIS A 85 12.50 16.19 17.34
C HIS A 85 13.06 15.40 18.51
N PRO A 86 12.65 15.76 19.74
CA PRO A 86 13.22 15.13 20.94
C PRO A 86 13.08 13.60 20.94
N ASP A 87 12.08 13.07 20.24
CA ASP A 87 11.87 11.64 20.18
C ASP A 87 12.28 10.99 18.87
N LEU A 88 13.01 11.73 18.03
CA LEU A 88 13.55 11.19 16.78
C LEU A 88 15.08 11.35 16.69
N ALA A 89 15.66 12.39 17.30
CA ALA A 89 17.01 12.79 16.97
C ALA A 89 18.08 11.72 17.19
N ASP A 90 17.91 10.91 18.25
CA ASP A 90 18.90 9.90 18.60
C ASP A 90 19.03 8.87 17.49
N ASN A 91 17.94 8.68 16.77
CA ASN A 91 17.89 7.72 15.67
C ASN A 91 18.15 8.32 14.29
N VAL A 92 18.48 9.60 14.20
CA VAL A 92 18.78 10.17 12.90
C VAL A 92 20.24 10.00 12.63
N ARG A 93 20.56 9.39 11.50
CA ARG A 93 21.96 9.28 11.09
C ARG A 93 22.26 10.31 10.01
N PRO A 94 23.54 10.57 9.76
CA PRO A 94 23.95 11.54 8.72
C PRO A 94 23.44 11.16 7.32
N GLY A 95 23.11 12.16 6.52
CA GLY A 95 22.89 11.96 5.10
C GLY A 95 21.54 12.40 4.57
N SER A 96 20.66 12.89 5.44
CA SER A 96 19.44 13.48 4.95
C SER A 96 19.76 14.64 4.00
N LYS A 97 18.82 14.93 3.11
CA LYS A 97 18.97 16.02 2.16
C LYS A 97 17.66 16.78 2.08
N ASN A 98 17.75 18.10 2.23
CA ASN A 98 16.61 18.98 2.00
C ASN A 98 16.73 19.43 0.53
N VAL A 99 15.80 18.99 -0.31
CA VAL A 99 15.88 19.29 -1.74
C VAL A 99 15.27 20.66 -2.11
N VAL A 100 14.64 21.32 -1.14
CA VAL A 100 14.17 22.71 -1.31
C VAL A 100 15.26 23.75 -0.94
N THR A 101 16.07 23.48 0.09
CA THR A 101 17.05 24.46 0.59
C THR A 101 18.50 24.12 0.27
N GLY A 102 18.75 22.88 -0.13
CA GLY A 102 20.11 22.37 -0.33
C GLY A 102 20.81 21.84 0.91
N SER A 103 20.20 22.00 2.08
CA SER A 103 20.89 21.67 3.35
C SER A 103 20.82 20.18 3.66
N ASP A 104 21.44 19.81 4.77
CA ASP A 104 21.30 18.44 5.33
C ASP A 104 20.13 18.24 6.29
N ASP A 105 19.24 19.22 6.37
CA ASP A 105 18.22 19.24 7.39
C ASP A 105 16.85 19.35 6.74
N PRO A 106 16.16 18.22 6.61
CA PRO A 106 14.86 18.16 5.93
C PRO A 106 13.68 18.61 6.76
N THR A 107 13.93 19.38 7.81
CA THR A 107 12.87 19.85 8.67
C THR A 107 12.02 20.84 7.91
N PRO A 108 10.69 20.65 7.91
CA PRO A 108 9.80 21.64 7.28
C PRO A 108 9.65 22.91 8.06
N THR A 109 9.35 24.01 7.34
CA THR A 109 9.02 25.30 7.92
C THR A 109 7.52 25.63 7.76
N ASP A 110 6.81 24.81 7.02
CA ASP A 110 5.36 24.98 6.82
C ASP A 110 4.62 24.19 7.92
N PRO A 111 3.67 24.80 8.63
CA PRO A 111 2.97 24.12 9.73
C PRO A 111 2.16 22.87 9.37
N ASP A 112 1.60 22.80 8.15
CA ASP A 112 0.84 21.62 7.75
C ASP A 112 1.71 20.46 7.26
N THR A 113 3.01 20.68 7.11
CA THR A 113 3.90 19.69 6.51
C THR A 113 4.46 18.70 7.56
N ALA A 114 3.56 17.92 8.15
CA ALA A 114 3.88 17.08 9.31
C ALA A 114 3.82 15.59 9.00
N HIS A 115 3.61 15.29 7.73
CA HIS A 115 3.35 13.92 7.29
C HIS A 115 4.57 13.02 7.47
N GLY A 116 5.72 13.43 6.97
CA GLY A 116 6.92 12.63 7.07
C GLY A 116 7.44 12.47 8.48
N THR A 117 7.23 13.47 9.32
CA THR A 117 7.67 13.41 10.71
C THR A 117 6.78 12.41 11.44
N SER A 118 5.49 12.43 11.13
CA SER A 118 4.53 11.45 11.65
C SER A 118 4.81 10.01 11.19
N VAL A 119 5.11 9.87 9.92
CA VAL A 119 5.61 8.60 9.38
C VAL A 119 6.85 8.12 10.15
N SER A 120 7.81 9.01 10.39
CA SER A 120 9.07 8.60 10.98
C SER A 120 8.92 8.06 12.41
N GLY A 121 8.01 8.67 13.16
CA GLY A 121 7.74 8.25 14.52
C GLY A 121 7.13 6.85 14.63
N ILE A 122 6.28 6.50 13.66
CA ILE A 122 5.68 5.16 13.62
C ILE A 122 6.79 4.13 13.46
N ILE A 123 7.76 4.44 12.59
CA ILE A 123 8.86 3.53 12.38
C ILE A 123 9.81 3.48 13.59
N ALA A 124 10.27 4.65 14.07
CA ALA A 124 11.47 4.70 14.91
C ALA A 124 11.50 5.81 15.98
N ALA A 125 10.36 6.19 16.53
CA ALA A 125 10.43 7.03 17.74
C ALA A 125 11.29 6.33 18.80
N VAL A 126 12.10 7.13 19.49
CA VAL A 126 13.16 6.63 20.35
C VAL A 126 12.55 5.98 21.58
N ASP A 127 13.18 4.90 22.03
CA ASP A 127 12.74 4.20 23.24
C ASP A 127 13.43 4.85 24.44
N ASN A 128 12.67 5.66 25.19
CA ASN A 128 13.21 6.46 26.27
C ASN A 128 12.05 6.80 27.23
N ALA A 129 12.07 7.95 27.89
CA ALA A 129 11.02 8.27 28.88
C ALA A 129 10.11 9.43 28.44
N ILE A 130 10.01 9.64 27.14
CA ILE A 130 9.11 10.65 26.56
C ILE A 130 8.37 10.10 25.36
N GLY A 131 7.21 10.69 25.09
CA GLY A 131 6.54 10.45 23.82
C GLY A 131 6.19 9.01 23.60
N THR A 132 6.38 8.56 22.37
CA THR A 132 5.98 7.23 21.91
C THR A 132 7.16 6.30 21.81
N LYS A 133 6.87 5.07 21.39
CA LYS A 133 7.85 4.05 21.09
C LYS A 133 7.68 3.61 19.63
N GLY A 134 8.75 3.69 18.87
CA GLY A 134 8.71 3.27 17.48
C GLY A 134 8.54 1.76 17.38
N ILE A 135 8.08 1.32 16.23
CA ILE A 135 7.98 -0.11 15.92
C ILE A 135 9.36 -0.70 15.98
N ALA A 136 10.31 0.02 15.38
CA ALA A 136 11.73 -0.32 15.35
C ALA A 136 12.55 0.81 15.94
N PRO A 137 12.52 0.92 17.26
CA PRO A 137 13.11 2.07 17.97
C PRO A 137 14.63 2.16 17.97
N ARG A 138 15.33 1.17 17.42
CA ARG A 138 16.78 1.27 17.22
C ARG A 138 17.21 1.35 15.73
N ALA A 139 16.25 1.39 14.80
CA ALA A 139 16.53 1.74 13.39
C ALA A 139 17.01 3.18 13.29
N GLN A 140 17.81 3.46 12.25
CA GLN A 140 18.35 4.78 11.99
C GLN A 140 17.70 5.37 10.74
N LEU A 141 17.32 6.64 10.84
CA LEU A 141 16.54 7.34 9.80
C LEU A 141 17.33 8.38 9.04
N GLN A 142 16.97 8.53 7.76
CA GLN A 142 17.26 9.71 6.99
C GLN A 142 15.94 10.20 6.42
N GLY A 143 15.83 11.50 6.25
CA GLY A 143 14.68 12.07 5.57
C GLY A 143 15.10 12.81 4.30
N PHE A 144 14.26 12.69 3.27
CA PHE A 144 14.41 13.38 1.99
C PHE A 144 13.03 13.97 1.65
N ASN A 145 12.98 15.30 1.62
CA ASN A 145 11.69 16.01 1.54
C ASN A 145 11.16 16.26 0.12
N LEU A 146 11.16 15.21 -0.70
CA LEU A 146 10.68 15.29 -2.07
C LEU A 146 9.28 15.86 -2.20
N LEU A 147 8.45 15.64 -1.19
CA LEU A 147 7.06 16.09 -1.25
C LEU A 147 6.71 17.37 -0.49
N ASP A 148 7.70 18.14 -0.05
CA ASP A 148 7.46 19.53 0.46
C ASP A 148 6.71 20.29 -0.62
N ASP A 149 5.80 21.20 -0.24
CA ASP A 149 5.01 21.99 -1.20
C ASP A 149 5.86 22.72 -2.19
N ASN A 150 7.07 23.12 -1.79
CA ASN A 150 7.97 23.84 -2.69
C ASN A 150 9.05 23.00 -3.38
N SER A 151 8.99 21.69 -3.23
CA SER A 151 9.85 20.80 -3.98
C SER A 151 9.39 20.74 -5.44
N GLN A 152 10.37 20.71 -6.33
CA GLN A 152 10.12 20.58 -7.76
C GLN A 152 9.91 19.12 -8.15
N GLN A 153 10.13 18.21 -7.19
CA GLN A 153 9.96 16.77 -7.43
C GLN A 153 10.78 16.33 -8.65
N LEU A 154 12.03 16.74 -8.68
CA LEU A 154 12.91 16.46 -9.79
C LEU A 154 13.34 15.01 -9.82
N GLN A 155 13.46 14.47 -11.02
CA GLN A 155 13.93 13.09 -11.16
C GLN A 155 15.25 12.89 -10.43
N LYS A 156 16.17 13.81 -10.59
CA LYS A 156 17.50 13.70 -9.93
C LYS A 156 17.39 13.53 -8.41
N ASP A 157 16.41 14.19 -7.80
CA ASP A 157 16.22 14.13 -6.37
C ASP A 157 15.47 12.86 -5.95
N TRP A 158 14.53 12.39 -6.75
CA TRP A 158 13.91 11.08 -6.50
C TRP A 158 14.99 9.99 -6.50
N LEU A 159 15.85 10.00 -7.51
CA LEU A 159 16.99 9.08 -7.54
C LEU A 159 17.87 9.19 -6.29
N TYR A 160 18.21 10.41 -5.91
CA TYR A 160 19.07 10.65 -4.76
C TYR A 160 18.46 10.01 -3.51
N ALA A 161 17.17 10.18 -3.33
CA ALA A 161 16.48 9.76 -2.13
C ALA A 161 16.17 8.25 -2.07
N LEU A 162 16.06 7.61 -3.23
CA LEU A 162 15.62 6.22 -3.32
C LEU A 162 16.78 5.27 -3.59
N GLY A 163 18.02 5.70 -3.31
CA GLY A 163 19.15 4.78 -3.30
C GLY A 163 20.29 5.03 -4.25
N ASP A 164 20.21 6.06 -5.11
CA ASP A 164 21.16 6.26 -6.20
C ASP A 164 22.22 7.32 -5.86
N SER A 165 22.42 7.58 -4.57
CA SER A 165 23.51 8.50 -4.13
C SER A 165 24.28 7.87 -2.98
N ASN A 166 25.51 8.32 -2.74
CA ASN A 166 26.25 7.84 -1.56
C ASN A 166 25.44 7.82 -0.26
N ALA A 167 24.71 8.89 -0.03
CA ALA A 167 24.01 9.10 1.23
C ALA A 167 22.93 8.04 1.44
N SER A 168 22.21 7.73 0.38
CA SER A 168 21.04 6.89 0.51
C SER A 168 21.21 5.43 0.09
N ARG A 169 22.30 5.08 -0.55
CA ARG A 169 22.46 3.74 -1.11
C ARG A 169 22.40 2.66 -0.05
N ASP A 170 22.97 2.92 1.12
CA ASP A 170 23.01 1.90 2.18
C ASP A 170 21.83 1.88 3.16
N ASN A 171 20.71 2.43 2.76
CA ASN A 171 19.45 2.11 3.44
C ASN A 171 19.01 0.71 3.02
N ARG A 172 18.42 -0.03 3.94
CA ARG A 172 17.87 -1.33 3.61
C ARG A 172 16.34 -1.28 3.56
N VAL A 173 15.75 -0.14 3.91
CA VAL A 173 14.29 0.06 3.81
C VAL A 173 14.01 1.45 3.23
N PHE A 174 13.18 1.50 2.19
CA PHE A 174 12.72 2.77 1.64
C PHE A 174 11.25 2.97 1.83
N ASN A 175 10.89 3.91 2.68
CA ASN A 175 9.52 4.18 3.01
C ASN A 175 8.89 5.21 2.08
N GLN A 176 7.84 4.80 1.37
CA GLN A 176 7.18 5.67 0.37
C GLN A 176 5.71 5.75 0.73
N SER A 177 5.41 6.64 1.65
CA SER A 177 4.05 6.87 2.08
C SER A 177 3.39 7.85 1.11
N TYR A 178 3.28 7.44 -0.14
CA TYR A 178 2.79 8.34 -1.20
C TYR A 178 2.27 7.51 -2.36
N GLY A 179 1.56 8.16 -3.25
CA GLY A 179 1.13 7.51 -4.48
C GLY A 179 0.34 8.46 -5.36
N MET A 180 -0.02 7.97 -6.53
CA MET A 180 -0.69 8.77 -7.57
C MET A 180 -2.10 8.27 -7.70
N SER A 181 -3.03 9.20 -7.88
CA SER A 181 -4.41 8.91 -8.22
C SER A 181 -4.58 9.40 -9.66
N VAL A 182 -5.39 8.67 -10.42
CA VAL A 182 -5.58 8.98 -11.83
C VAL A 182 -7.03 8.83 -12.29
N VAL A 183 -7.40 9.62 -13.30
CA VAL A 183 -8.68 9.44 -14.00
C VAL A 183 -8.48 8.95 -15.44
N ASP A 184 -7.25 9.02 -15.95
CA ASP A 184 -6.89 8.38 -17.20
C ASP A 184 -5.71 7.45 -16.96
N PRO A 185 -5.73 6.30 -17.65
CA PRO A 185 -4.73 5.26 -17.42
C PRO A 185 -3.35 5.71 -17.87
N ARG A 186 -2.31 5.26 -17.17
CA ARG A 186 -0.95 5.58 -17.55
C ARG A 186 -0.17 4.31 -17.82
N SER A 187 0.75 4.40 -18.76
CA SER A 187 1.74 3.37 -19.01
C SER A 187 2.82 3.44 -17.94
N ALA A 188 3.61 2.38 -17.81
CA ALA A 188 4.68 2.37 -16.83
C ALA A 188 6.02 2.49 -17.51
N ASN A 189 6.00 2.80 -18.79
CA ASN A 189 7.18 2.74 -19.65
C ASN A 189 7.87 4.06 -19.89
N SER A 190 7.51 5.11 -19.16
CA SER A 190 8.16 6.39 -19.36
C SER A 190 9.61 6.20 -18.99
N LEU A 191 10.47 7.06 -19.54
CA LEU A 191 11.89 7.05 -19.23
C LEU A 191 12.11 7.17 -17.73
N ASP A 192 11.41 8.08 -17.06
CA ASP A 192 11.59 8.30 -15.63
C ASP A 192 11.16 7.08 -14.83
N GLN A 193 10.04 6.49 -15.21
CA GLN A 193 9.54 5.35 -14.47
C GLN A 193 10.44 4.17 -14.60
N SER A 194 10.92 3.90 -15.81
CA SER A 194 11.72 2.72 -16.04
C SER A 194 13.07 2.91 -15.37
N GLN A 195 13.55 4.14 -15.37
CA GLN A 195 14.80 4.44 -14.68
C GLN A 195 14.68 4.15 -13.19
N LEU A 196 13.61 4.61 -12.54
CA LEU A 196 13.40 4.27 -11.12
C LEU A 196 13.25 2.76 -10.91
N ASP A 197 12.56 2.06 -11.80
CA ASP A 197 12.42 0.60 -11.70
C ASP A 197 13.79 -0.09 -11.79
N ARG A 198 14.68 0.39 -12.64
CA ARG A 198 16.01 -0.19 -12.74
C ARG A 198 16.77 0.02 -11.44
N LEU A 199 16.61 1.20 -10.84
CA LEU A 199 17.25 1.49 -9.57
C LEU A 199 16.72 0.58 -8.48
N PHE A 200 15.40 0.45 -8.40
CA PHE A 200 14.80 -0.39 -7.36
C PHE A 200 15.24 -1.87 -7.52
N GLU A 201 15.43 -2.32 -8.76
CA GLU A 201 15.85 -3.69 -9.03
C GLU A 201 17.27 -3.87 -8.50
N GLN A 202 18.14 -2.94 -8.87
CA GLN A 202 19.51 -3.04 -8.41
C GLN A 202 19.58 -3.05 -6.87
N GLN A 203 18.87 -2.13 -6.25
CA GLN A 203 18.97 -1.94 -4.81
C GLN A 203 18.31 -3.13 -4.07
N THR A 204 17.28 -3.74 -4.64
CA THR A 204 16.61 -4.85 -3.98
C THR A 204 17.44 -6.14 -3.97
N LEU A 205 18.07 -6.43 -5.11
CA LEU A 205 18.67 -7.75 -5.37
C LEU A 205 20.15 -7.87 -4.99
N LYS A 206 20.81 -6.74 -4.76
CA LYS A 206 22.17 -6.74 -4.28
C LYS A 206 22.31 -7.42 -2.92
N ALA A 207 23.55 -7.75 -2.59
CA ALA A 207 23.85 -8.32 -1.28
C ALA A 207 23.28 -7.50 -0.14
N GLN A 208 23.41 -6.19 -0.14
CA GLN A 208 22.88 -5.60 1.08
C GLN A 208 21.38 -5.30 1.01
N GLY A 209 20.51 -6.19 0.49
CA GLY A 209 19.36 -5.75 -0.28
C GLY A 209 18.35 -4.86 0.43
N ALA A 210 17.75 -3.89 -0.30
CA ALA A 210 16.83 -2.93 0.30
C ALA A 210 15.40 -3.28 -0.06
N ALA A 211 14.53 -3.19 0.92
CA ALA A 211 13.08 -3.34 0.71
C ALA A 211 12.41 -1.99 0.49
N TYR A 212 11.85 -1.82 -0.70
CA TYR A 212 10.96 -0.71 -1.00
C TYR A 212 9.53 -1.03 -0.52
N ILE A 213 8.99 -0.11 0.27
CA ILE A 213 7.63 -0.21 0.83
C ILE A 213 6.79 0.96 0.31
N LYS A 214 5.56 0.68 -0.11
CA LYS A 214 4.76 1.64 -0.88
C LYS A 214 3.28 1.63 -0.49
N ALA A 215 2.73 2.81 -0.27
CA ALA A 215 1.33 2.94 0.05
C ALA A 215 0.43 2.58 -1.12
N ALA A 216 -0.61 1.80 -0.86
CA ALA A 216 -1.55 1.44 -1.90
C ALA A 216 -2.43 2.61 -2.36
N GLY A 217 -2.64 3.58 -1.46
CA GLY A 217 -3.53 4.69 -1.73
C GLY A 217 -4.68 4.73 -0.75
N ASN A 218 -5.35 5.88 -0.68
CA ASN A 218 -6.46 6.09 0.25
C ASN A 218 -7.72 6.43 -0.50
N GLY A 219 -7.93 5.74 -1.62
CA GLY A 219 -9.00 6.04 -2.54
C GLY A 219 -10.15 5.07 -2.63
N PHE A 220 -10.46 4.33 -1.56
CA PHE A 220 -11.60 3.42 -1.62
C PHE A 220 -12.87 4.18 -2.05
N ASN A 221 -13.02 5.42 -1.54
CA ASN A 221 -14.19 6.27 -1.81
C ASN A 221 -13.90 7.52 -2.64
N LYS A 222 -12.80 8.22 -2.37
CA LYS A 222 -12.52 9.45 -3.07
C LYS A 222 -11.06 9.61 -3.42
N ILE A 223 -10.84 10.27 -4.55
CA ILE A 223 -9.50 10.64 -4.98
C ILE A 223 -9.45 12.11 -5.32
N ALA A 224 -8.24 12.62 -5.44
CA ALA A 224 -8.01 13.90 -6.03
C ALA A 224 -7.18 13.68 -7.29
N ALA A 225 -7.65 14.22 -8.40
CA ALA A 225 -6.99 14.13 -9.70
C ALA A 225 -7.61 15.13 -10.66
N GLY A 226 -6.83 15.62 -11.61
CA GLY A 226 -7.34 16.47 -12.68
C GLY A 226 -7.97 17.79 -12.25
N GLY A 227 -7.59 18.29 -11.08
CA GLY A 227 -8.05 19.57 -10.56
C GLY A 227 -9.30 19.41 -9.69
N TYR A 228 -9.70 18.16 -9.46
CA TYR A 228 -10.93 17.83 -8.70
C TYR A 228 -10.70 16.86 -7.57
N VAL A 229 -11.68 16.81 -6.66
CA VAL A 229 -11.86 15.70 -5.76
C VAL A 229 -13.12 14.99 -6.29
N LEU A 230 -12.99 13.69 -6.52
CA LEU A 230 -14.02 12.88 -7.16
C LEU A 230 -14.49 11.74 -6.27
N ASN A 231 -15.78 11.46 -6.34
CA ASN A 231 -16.34 10.27 -5.69
C ASN A 231 -17.62 9.85 -6.42
N ARG A 232 -17.97 8.58 -6.33
CA ARG A 232 -19.21 8.10 -6.92
C ARG A 232 -20.38 8.41 -5.99
N THR A 233 -21.57 8.46 -6.58
CA THR A 233 -22.82 8.62 -5.83
C THR A 233 -23.86 7.73 -6.51
N GLY A 234 -24.99 7.47 -5.85
CA GLY A 234 -26.04 6.66 -6.43
C GLY A 234 -25.87 5.16 -6.30
N ASN A 235 -26.64 4.42 -7.10
CA ASN A 235 -26.63 2.95 -7.10
C ASN A 235 -25.25 2.45 -7.51
N GLY A 236 -24.82 1.35 -6.90
CA GLY A 236 -23.54 0.76 -7.24
C GLY A 236 -23.00 -0.19 -6.18
N PRO A 237 -22.17 -1.13 -6.62
CA PRO A 237 -21.50 -2.05 -5.69
C PRO A 237 -20.36 -1.39 -4.92
N LYS A 238 -19.98 -1.99 -3.81
CA LYS A 238 -19.03 -1.36 -2.90
C LYS A 238 -17.65 -1.80 -3.34
N LEU A 239 -17.27 -1.36 -4.54
CA LEU A 239 -15.95 -1.62 -5.11
C LEU A 239 -15.09 -0.38 -4.92
N PRO A 240 -13.79 -0.54 -4.77
CA PRO A 240 -12.93 0.62 -4.54
C PRO A 240 -13.01 1.55 -5.72
N PHE A 241 -13.06 2.86 -5.49
CA PHE A 241 -12.98 3.82 -6.57
C PHE A 241 -11.54 3.73 -7.12
N GLU A 242 -10.56 3.72 -6.22
CA GLU A 242 -9.13 3.53 -6.57
C GLU A 242 -8.69 2.10 -6.31
N ASN A 243 -8.52 1.35 -7.39
CA ASN A 243 -7.87 0.05 -7.36
C ASN A 243 -6.37 0.35 -7.25
N SER A 244 -5.71 -0.43 -6.42
CA SER A 244 -4.29 -0.25 -6.16
C SER A 244 -3.33 -0.53 -7.34
N ASN A 245 -3.83 -1.09 -8.43
CA ASN A 245 -3.06 -1.23 -9.68
C ASN A 245 -3.08 0.04 -10.57
N LEU A 246 -3.80 1.09 -10.17
CA LEU A 246 -3.88 2.30 -10.99
C LEU A 246 -2.60 3.12 -11.01
N ASP A 247 -1.96 3.35 -9.86
CA ASP A 247 -0.67 4.06 -9.83
C ASP A 247 0.31 3.11 -10.51
N PRO A 248 0.91 3.50 -11.64
CA PRO A 248 1.79 2.57 -12.37
C PRO A 248 2.94 2.02 -11.51
N SER A 249 3.43 2.81 -10.57
CA SER A 249 4.48 2.39 -9.66
C SER A 249 4.11 1.19 -8.81
N ASN A 250 2.82 0.98 -8.55
CA ASN A 250 2.38 -0.05 -7.63
C ASN A 250 2.43 -1.45 -8.21
N SER A 251 2.77 -1.58 -9.49
CA SER A 251 2.87 -2.87 -10.15
C SER A 251 4.30 -3.21 -10.56
N ASN A 252 5.28 -2.49 -10.02
CA ASN A 252 6.68 -2.66 -10.42
C ASN A 252 7.42 -3.84 -9.77
N PHE A 253 6.70 -4.60 -8.95
CA PHE A 253 7.25 -5.74 -8.18
C PHE A 253 8.22 -5.37 -7.04
N TRP A 254 9.17 -4.49 -7.30
CA TRP A 254 10.19 -4.07 -6.28
C TRP A 254 9.51 -3.40 -5.09
N ASN A 255 8.45 -2.67 -5.34
CA ASN A 255 7.57 -2.16 -4.28
C ASN A 255 6.76 -3.27 -3.63
N LEU A 256 6.78 -3.29 -2.30
CA LEU A 256 5.86 -4.09 -1.51
C LEU A 256 4.76 -3.14 -1.11
N VAL A 257 3.61 -3.38 -1.70
CA VAL A 257 2.47 -2.49 -1.62
C VAL A 257 1.55 -2.91 -0.51
N VAL A 258 1.16 -1.97 0.35
CA VAL A 258 0.36 -2.33 1.51
C VAL A 258 -0.95 -1.57 1.65
N SER A 259 -1.98 -2.30 2.09
CA SER A 259 -3.24 -1.71 2.47
C SER A 259 -3.28 -1.41 3.96
N ALA A 260 -4.24 -0.56 4.36
CA ALA A 260 -4.41 -0.13 5.75
C ALA A 260 -5.54 -0.89 6.48
N LEU A 261 -5.25 -1.26 7.72
CA LEU A 261 -6.15 -1.94 8.62
C LEU A 261 -6.49 -1.02 9.79
N ASN A 262 -7.74 -1.07 10.28
CA ASN A 262 -8.11 -0.23 11.42
C ASN A 262 -8.10 -1.02 12.73
N ALA A 263 -8.41 -0.36 13.83
CA ALA A 263 -8.28 -0.95 15.16
C ALA A 263 -9.34 -2.03 15.45
N ASP A 264 -10.37 -2.11 14.59
CA ASP A 264 -11.40 -3.14 14.68
C ASP A 264 -11.02 -4.42 13.90
N GLY A 265 -9.87 -4.41 13.28
CA GLY A 265 -9.38 -5.56 12.55
C GLY A 265 -9.97 -5.73 11.17
N VAL A 266 -10.42 -4.64 10.57
CA VAL A 266 -10.90 -4.70 9.21
C VAL A 266 -10.27 -3.59 8.37
N ARG A 267 -10.45 -3.66 7.07
CA ARG A 267 -9.89 -2.65 6.20
C ARG A 267 -10.29 -1.24 6.63
N SER A 268 -9.30 -0.36 6.70
CA SER A 268 -9.56 1.06 6.96
C SER A 268 -10.44 1.59 5.84
N SER A 269 -11.46 2.33 6.21
CA SER A 269 -12.52 2.77 5.32
C SER A 269 -12.00 3.27 3.96
N TYR A 270 -10.92 4.04 3.98
CA TYR A 270 -10.42 4.78 2.82
C TYR A 270 -9.43 3.93 1.98
N SER A 271 -8.95 2.80 2.50
CA SER A 271 -7.84 2.07 1.85
C SER A 271 -8.09 1.60 0.42
N SER A 272 -7.20 1.96 -0.49
CA SER A 272 -7.19 1.34 -1.83
C SER A 272 -6.85 -0.15 -1.63
N VAL A 273 -7.29 -0.97 -2.58
CA VAL A 273 -7.09 -2.41 -2.54
C VAL A 273 -6.95 -2.95 -3.97
N GLY A 274 -6.49 -4.19 -4.10
CA GLY A 274 -6.31 -4.80 -5.40
C GLY A 274 -5.39 -6.01 -5.36
N SER A 275 -5.23 -6.67 -6.51
CA SER A 275 -4.44 -7.90 -6.64
C SER A 275 -2.98 -7.75 -6.31
N ASN A 276 -2.52 -6.51 -6.33
CA ASN A 276 -1.13 -6.22 -6.05
C ASN A 276 -0.81 -5.85 -4.59
N ILE A 277 -1.80 -5.86 -3.70
CA ILE A 277 -1.50 -5.70 -2.27
C ILE A 277 -0.71 -6.91 -1.80
N PHE A 278 0.41 -6.71 -1.12
CA PHE A 278 1.19 -7.81 -0.55
C PHE A 278 0.72 -8.15 0.88
N LEU A 279 0.50 -7.13 1.71
CA LEU A 279 0.00 -7.34 3.07
C LEU A 279 -0.78 -6.16 3.57
N SER A 280 -1.44 -6.37 4.69
CA SER A 280 -2.20 -5.35 5.40
C SER A 280 -1.39 -4.95 6.61
N ALA A 281 -1.36 -3.66 6.88
CA ALA A 281 -0.75 -3.17 8.09
C ALA A 281 -1.58 -2.02 8.70
N THR A 282 -1.19 -1.62 9.90
CA THR A 282 -2.00 -0.71 10.71
C THR A 282 -1.98 0.70 10.17
N GLY A 283 -3.16 1.24 9.90
CA GLY A 283 -3.34 2.64 9.56
C GLY A 283 -4.49 3.35 10.26
N GLY A 284 -5.43 2.61 10.85
CA GLY A 284 -6.50 3.22 11.61
C GLY A 284 -7.51 3.99 10.77
N GLU A 285 -8.25 4.87 11.44
CA GLU A 285 -9.30 5.70 10.79
C GLU A 285 -8.88 7.16 10.88
N TYR A 286 -9.47 7.99 11.76
CA TYR A 286 -9.14 9.41 11.79
C TYR A 286 -8.68 9.96 13.17
N GLY A 287 -8.80 9.14 14.21
CA GLY A 287 -8.38 9.54 15.55
C GLY A 287 -9.37 10.42 16.27
N THR A 288 -10.56 10.53 15.68
CA THR A 288 -11.64 11.38 16.20
C THR A 288 -12.66 10.49 16.86
N ASP A 289 -13.49 9.81 16.05
CA ASP A 289 -14.47 8.86 16.57
C ASP A 289 -13.90 7.47 16.91
N THR A 290 -12.80 7.12 16.23
CA THR A 290 -12.18 5.80 16.33
C THR A 290 -10.67 5.94 16.15
N PRO A 291 -9.89 4.95 16.57
CA PRO A 291 -8.44 5.15 16.67
C PRO A 291 -7.68 5.41 15.36
N ALA A 292 -6.67 6.26 15.45
CA ALA A 292 -5.65 6.37 14.44
C ALA A 292 -4.25 6.27 15.09
N MET A 293 -3.21 6.83 14.47
CA MET A 293 -1.84 6.51 14.83
C MET A 293 -1.17 7.60 15.66
N VAL A 294 -0.95 7.28 16.92
CA VAL A 294 -0.29 8.18 17.85
C VAL A 294 1.19 8.13 17.51
N THR A 295 1.75 9.29 17.20
CA THR A 295 3.10 9.40 16.70
C THR A 295 3.72 10.80 16.93
N THR A 296 4.93 10.98 16.45
CA THR A 296 5.66 12.23 16.59
C THR A 296 5.15 13.29 15.62
N ASP A 297 4.89 14.48 16.13
CA ASP A 297 4.38 15.58 15.36
C ASP A 297 5.52 16.57 15.12
N LEU A 298 5.34 17.55 14.25
CA LEU A 298 6.23 18.70 14.24
C LEU A 298 6.25 19.32 15.64
N PRO A 299 7.43 19.56 16.23
CA PRO A 299 7.51 20.18 17.57
C PRO A 299 6.84 21.54 17.71
N GLY A 300 6.19 21.75 18.84
CA GLY A 300 5.56 23.01 19.19
C GLY A 300 4.07 23.03 18.90
N CYS A 301 3.36 23.91 19.62
CA CYS A 301 1.92 24.09 19.43
C CYS A 301 1.59 25.09 18.32
N ASP A 302 2.61 25.57 17.58
CA ASP A 302 2.42 26.38 16.38
C ASP A 302 2.77 25.65 15.07
N MET A 303 3.11 24.35 15.17
CA MET A 303 3.53 23.54 14.03
C MET A 303 2.94 22.14 14.11
N GLY A 304 2.55 21.58 12.97
CA GLY A 304 2.20 20.17 12.92
C GLY A 304 0.71 19.91 12.94
N TYR A 305 0.33 18.64 12.98
CA TYR A 305 -1.08 18.25 13.09
C TYR A 305 -1.60 18.51 14.50
N ASN A 306 -0.71 18.58 15.48
CA ASN A 306 -1.07 19.01 16.83
C ASN A 306 -0.54 20.41 17.02
N ARG A 307 -1.45 21.35 16.87
CA ARG A 307 -1.18 22.77 17.08
C ARG A 307 -2.48 23.54 17.30
N THR A 308 -2.35 24.73 17.88
CA THR A 308 -3.52 25.49 18.33
C THR A 308 -4.50 25.83 17.20
N ASP A 309 -3.97 26.20 16.04
CA ASP A 309 -4.77 26.64 14.88
C ASP A 309 -5.49 25.53 14.13
N ASP A 310 -5.12 24.28 14.38
CA ASP A 310 -5.72 23.14 13.67
C ASP A 310 -6.25 22.16 14.71
N PRO A 311 -7.29 22.55 15.45
CA PRO A 311 -7.85 21.68 16.50
C PRO A 311 -8.30 20.32 16.01
N SER A 312 -8.35 19.38 16.95
CA SER A 312 -8.89 18.05 16.72
C SER A 312 -9.70 17.62 17.94
N THR A 313 -10.70 16.77 17.73
CA THR A 313 -11.39 16.08 18.83
C THR A 313 -10.56 14.95 19.49
N ASN A 314 -9.44 14.57 18.87
CA ASN A 314 -8.52 13.66 19.53
C ASN A 314 -7.96 14.31 20.79
N ARG A 315 -8.04 13.58 21.90
CA ARG A 315 -7.78 14.17 23.21
C ARG A 315 -6.30 14.47 23.50
N LEU A 316 -5.39 13.93 22.70
CA LEU A 316 -3.94 14.23 22.88
C LEU A 316 -3.56 15.66 22.47
N HIS A 317 -4.38 16.25 21.61
CA HIS A 317 -4.06 17.51 20.92
C HIS A 317 -4.21 18.76 21.79
N GLY A 318 -5.32 18.87 22.50
CA GLY A 318 -5.50 20.09 23.26
C GLY A 318 -4.69 20.20 24.57
N ASN A 319 -3.66 19.37 24.76
CA ASN A 319 -3.50 18.70 26.05
C ASN A 319 -2.29 19.05 26.89
N SER A 320 -2.49 19.91 27.89
CA SER A 320 -1.40 20.43 28.71
C SER A 320 -0.84 19.37 29.67
N GLN A 321 -1.65 18.39 29.99
CA GLN A 321 -1.26 17.28 30.86
C GLN A 321 -0.30 16.29 30.17
N LEU A 322 -0.68 15.86 28.96
CA LEU A 322 -0.03 14.75 28.28
C LEU A 322 0.99 15.15 27.23
N ASP A 323 0.90 16.38 26.73
CA ASP A 323 1.77 16.81 25.66
C ASP A 323 1.75 18.32 25.55
N ALA A 324 2.47 18.96 26.47
CA ALA A 324 2.40 20.40 26.68
C ALA A 324 3.06 21.23 25.56
N SER A 325 4.01 20.65 24.85
CA SER A 325 4.63 21.35 23.72
C SER A 325 4.16 20.81 22.36
N CYS A 326 3.06 20.05 22.37
CA CYS A 326 2.41 19.53 21.17
C CYS A 326 3.43 18.84 20.24
N ASP A 327 4.30 18.03 20.84
CA ASP A 327 5.28 17.25 20.09
C ASP A 327 4.75 15.94 19.52
N TYR A 328 3.48 15.57 19.80
CA TYR A 328 2.95 14.26 19.38
C TYR A 328 1.59 14.51 18.79
N ASN A 329 1.10 13.59 17.97
CA ASN A 329 -0.26 13.71 17.45
C ASN A 329 -0.97 12.35 17.41
N GLY A 330 -2.29 12.40 17.29
CA GLY A 330 -3.15 11.22 17.35
C GLY A 330 -4.00 11.02 16.10
N VAL A 331 -3.69 11.75 15.03
CA VAL A 331 -4.53 11.77 13.84
C VAL A 331 -3.84 11.20 12.60
N MET A 332 -2.57 10.84 12.70
CA MET A 332 -1.88 10.23 11.57
C MET A 332 -2.59 8.93 11.17
N ASN A 333 -2.72 8.70 9.86
CA ASN A 333 -3.51 7.59 9.36
C ASN A 333 -3.09 7.21 7.93
N GLY A 334 -3.92 6.40 7.30
CA GLY A 334 -3.82 6.15 5.88
C GLY A 334 -2.99 4.93 5.55
N THR A 335 -2.99 4.52 4.27
CA THR A 335 -1.95 3.62 3.81
C THR A 335 -0.61 4.28 4.00
N SER A 336 -0.64 5.60 4.20
CA SER A 336 0.55 6.41 4.56
C SER A 336 1.12 6.00 5.92
N SER A 337 0.27 5.38 6.73
CA SER A 337 0.65 4.84 8.04
C SER A 337 0.89 3.31 7.99
N ALA A 338 0.13 2.59 7.17
CA ALA A 338 0.41 1.17 6.92
C ALA A 338 1.82 0.96 6.38
N THR A 339 2.30 1.94 5.61
CA THR A 339 3.61 1.88 4.99
C THR A 339 4.70 1.92 6.05
N PRO A 340 4.75 2.92 6.94
CA PRO A 340 5.78 2.87 7.98
C PRO A 340 5.58 1.74 8.97
N SER A 341 4.36 1.27 9.15
CA SER A 341 4.12 0.12 10.00
C SER A 341 4.87 -1.09 9.42
N THR A 342 4.86 -1.17 8.10
CA THR A 342 5.53 -2.22 7.35
C THR A 342 7.03 -2.04 7.33
N SER A 343 7.47 -0.79 7.13
CA SER A 343 8.88 -0.43 7.16
C SER A 343 9.46 -0.80 8.51
N GLY A 344 8.72 -0.50 9.58
CA GLY A 344 9.15 -0.87 10.93
C GLY A 344 9.25 -2.37 11.13
N ALA A 345 8.21 -3.11 10.72
CA ALA A 345 8.20 -4.58 10.79
C ALA A 345 9.39 -5.15 10.04
N MET A 346 9.65 -4.60 8.85
CA MET A 346 10.74 -5.07 8.01
C MET A 346 12.06 -4.82 8.72
N ALA A 347 12.21 -3.67 9.35
CA ALA A 347 13.45 -3.34 10.06
C ALA A 347 13.64 -4.28 11.27
N LEU A 348 12.58 -4.63 11.96
CA LEU A 348 12.69 -5.63 13.01
C LEU A 348 13.25 -6.97 12.48
N LEU A 349 12.64 -7.51 11.42
CA LEU A 349 13.11 -8.76 10.81
C LEU A 349 14.55 -8.67 10.36
N MET A 350 14.91 -7.56 9.72
CA MET A 350 16.26 -7.41 9.23
C MET A 350 17.30 -7.30 10.34
N SER A 351 16.88 -6.74 11.49
CA SER A 351 17.79 -6.64 12.63
C SER A 351 18.04 -8.00 13.24
N ALA A 352 17.05 -8.90 13.20
CA ALA A 352 17.20 -10.25 13.72
C ALA A 352 17.94 -11.21 12.75
N TYR A 353 17.69 -11.03 11.46
CA TYR A 353 18.21 -11.88 10.40
C TYR A 353 18.76 -11.01 9.28
N PRO A 354 19.90 -10.35 9.51
CA PRO A 354 20.51 -9.53 8.46
C PRO A 354 20.96 -10.52 7.38
N ASP A 355 21.26 -10.15 6.16
CA ASP A 355 21.66 -11.30 5.28
C ASP A 355 20.59 -12.44 4.95
N LEU A 356 19.32 -12.25 5.29
CA LEU A 356 18.28 -12.86 4.49
C LEU A 356 17.94 -11.83 3.42
N SER A 357 17.63 -12.31 2.22
CA SER A 357 17.24 -11.44 1.10
C SER A 357 15.88 -10.82 1.30
N VAL A 358 15.58 -9.81 0.49
CA VAL A 358 14.28 -9.15 0.55
C VAL A 358 13.19 -10.09 0.16
N ARG A 359 13.46 -10.92 -0.84
CA ARG A 359 12.45 -11.95 -1.20
C ARG A 359 12.18 -12.96 -0.07
N ASP A 360 13.20 -13.29 0.72
CA ASP A 360 13.06 -14.20 1.83
C ASP A 360 12.23 -13.54 2.94
N LEU A 361 12.51 -12.27 3.19
CA LEU A 361 11.72 -11.51 4.17
C LEU A 361 10.27 -11.39 3.73
N ARG A 362 10.01 -11.16 2.45
CA ARG A 362 8.66 -11.19 1.94
C ARG A 362 8.00 -12.53 2.18
N ASP A 363 8.74 -13.62 1.92
CA ASP A 363 8.20 -14.96 2.02
C ASP A 363 7.79 -15.22 3.48
N LEU A 364 8.64 -14.79 4.42
CA LEU A 364 8.36 -14.93 5.85
C LEU A 364 7.15 -14.11 6.27
N LEU A 365 7.07 -12.88 5.78
CA LEU A 365 5.95 -11.98 6.11
C LEU A 365 4.66 -12.56 5.55
N ALA A 366 4.70 -13.06 4.31
CA ALA A 366 3.50 -13.66 3.73
C ALA A 366 3.06 -14.91 4.48
N ARG A 367 3.99 -15.81 4.77
CA ARG A 367 3.61 -17.07 5.35
C ARG A 367 3.20 -16.92 6.83
N SER A 368 3.63 -15.83 7.48
CA SER A 368 3.30 -15.58 8.89
C SER A 368 2.11 -14.64 9.12
N ALA A 369 1.61 -14.04 8.03
CA ALA A 369 0.51 -13.08 8.15
C ALA A 369 -0.79 -13.69 8.68
N THR A 370 -1.57 -12.87 9.36
CA THR A 370 -2.79 -13.33 9.98
C THR A 370 -3.96 -13.12 9.02
N ARG A 371 -4.83 -14.12 8.93
CA ARG A 371 -5.97 -14.08 8.03
C ARG A 371 -7.15 -13.39 8.72
N VAL A 372 -6.99 -12.06 8.88
CA VAL A 372 -7.99 -11.22 9.54
C VAL A 372 -9.23 -11.13 8.69
N ASP A 373 -10.36 -10.85 9.33
CA ASP A 373 -11.62 -10.64 8.61
C ASP A 373 -11.89 -11.81 7.66
N ALA A 374 -11.79 -13.02 8.21
CA ALA A 374 -11.68 -14.22 7.38
C ALA A 374 -12.94 -14.49 6.54
N LYS A 375 -14.08 -14.02 7.00
CA LYS A 375 -15.33 -14.22 6.30
C LYS A 375 -15.87 -13.04 5.45
N HIS A 376 -15.12 -11.98 5.23
CA HIS A 376 -15.62 -10.90 4.39
C HIS A 376 -15.96 -11.43 3.00
N GLN A 377 -17.06 -10.97 2.46
CA GLN A 377 -17.59 -11.52 1.23
C GLN A 377 -17.01 -10.84 0.00
N PRO A 378 -17.02 -11.53 -1.13
CA PRO A 378 -16.74 -10.89 -2.40
C PRO A 378 -17.82 -9.85 -2.70
N VAL A 379 -17.43 -8.81 -3.44
CA VAL A 379 -18.33 -7.77 -3.93
C VAL A 379 -18.73 -8.16 -5.33
N MET A 380 -20.02 -8.49 -5.48
CA MET A 380 -20.56 -8.96 -6.74
C MET A 380 -21.13 -7.85 -7.63
N VAL A 381 -20.99 -8.02 -8.94
CA VAL A 381 -21.62 -7.14 -9.91
C VAL A 381 -22.64 -7.96 -10.68
N SER A 382 -23.91 -7.57 -10.60
CA SER A 382 -25.03 -8.23 -11.30
C SER A 382 -25.48 -7.32 -12.43
N TYR A 383 -25.78 -7.91 -13.59
CA TYR A 383 -26.27 -7.20 -14.77
C TYR A 383 -26.95 -8.17 -15.70
N THR A 384 -27.86 -7.67 -16.54
CA THR A 384 -28.49 -8.53 -17.56
C THR A 384 -27.53 -8.51 -18.75
N SER A 385 -27.06 -9.67 -19.14
CA SER A 385 -26.08 -9.75 -20.21
C SER A 385 -26.71 -9.48 -21.58
N SER A 386 -25.85 -9.41 -22.58
CA SER A 386 -26.22 -9.00 -23.93
C SER A 386 -27.17 -10.00 -24.59
N THR A 387 -27.20 -11.23 -24.08
CA THR A 387 -28.06 -12.28 -24.61
C THR A 387 -29.27 -12.58 -23.70
N GLY A 388 -29.48 -11.74 -22.70
CA GLY A 388 -30.70 -11.76 -21.91
C GLY A 388 -30.63 -12.49 -20.58
N LYS A 389 -29.47 -13.04 -20.26
CA LYS A 389 -29.25 -13.80 -19.03
C LYS A 389 -28.68 -12.87 -17.95
N VAL A 390 -29.24 -12.90 -16.74
CA VAL A 390 -28.61 -12.16 -15.64
C VAL A 390 -27.39 -12.92 -15.17
N ARG A 391 -26.25 -12.23 -15.11
CA ARG A 391 -25.02 -12.77 -14.58
C ARG A 391 -24.70 -12.06 -13.28
N ASP A 392 -24.04 -12.79 -12.39
CA ASP A 392 -23.57 -12.25 -11.12
C ASP A 392 -22.14 -12.71 -11.00
N VAL A 393 -21.20 -11.79 -11.19
CA VAL A 393 -19.77 -12.09 -11.25
C VAL A 393 -19.04 -11.33 -10.15
N LYS A 394 -17.88 -11.82 -9.73
CA LYS A 394 -17.10 -11.10 -8.74
C LYS A 394 -16.51 -9.87 -9.37
N GLY A 395 -16.66 -8.76 -8.67
CA GLY A 395 -15.91 -7.54 -8.96
C GLY A 395 -14.71 -7.34 -8.06
N LEU A 396 -14.76 -7.88 -6.85
CA LEU A 396 -13.64 -7.94 -5.93
C LEU A 396 -13.80 -9.19 -5.07
N GLU A 397 -12.75 -9.99 -4.96
CA GLU A 397 -12.79 -11.23 -4.18
C GLU A 397 -12.74 -10.95 -2.66
N GLY A 398 -13.20 -11.93 -1.89
CA GLY A 398 -12.89 -12.04 -0.47
C GLY A 398 -11.66 -12.92 -0.33
N TRP A 399 -11.50 -13.64 0.79
CA TRP A 399 -10.36 -14.53 0.93
C TRP A 399 -10.53 -15.75 0.04
N GLU A 400 -9.47 -16.13 -0.64
CA GLU A 400 -9.44 -17.28 -1.53
C GLU A 400 -8.11 -17.98 -1.42
N ARG A 401 -8.13 -19.31 -1.55
CA ARG A 401 -6.91 -20.10 -1.44
C ARG A 401 -6.47 -20.52 -2.83
N ASN A 402 -5.24 -20.26 -3.19
CA ASN A 402 -4.73 -20.62 -4.52
C ASN A 402 -4.40 -22.09 -4.61
N ALA A 403 -3.92 -22.52 -5.77
CA ALA A 403 -3.68 -23.96 -6.02
C ALA A 403 -2.52 -24.55 -5.23
N ALA A 404 -1.61 -23.68 -4.75
CA ALA A 404 -0.51 -24.07 -3.86
C ALA A 404 -0.86 -24.02 -2.35
N GLY A 405 -2.09 -23.66 -2.03
CA GLY A 405 -2.55 -23.62 -0.65
C GLY A 405 -2.44 -22.26 0.03
N MET A 406 -1.99 -21.24 -0.69
CA MET A 406 -1.80 -19.92 -0.12
C MET A 406 -3.10 -19.10 -0.12
N TRP A 407 -3.44 -18.54 1.04
CA TRP A 407 -4.60 -17.68 1.16
C TRP A 407 -4.21 -16.26 0.75
N PHE A 408 -5.09 -15.61 0.00
CA PHE A 408 -4.84 -14.27 -0.49
C PHE A 408 -6.17 -13.54 -0.64
N SER A 409 -6.15 -12.23 -0.40
CA SER A 409 -7.30 -11.37 -0.72
C SER A 409 -6.77 -10.05 -1.26
N PRO A 410 -7.49 -9.39 -2.18
CA PRO A 410 -7.03 -8.08 -2.65
C PRO A 410 -7.13 -6.99 -1.57
N THR A 411 -7.93 -7.22 -0.53
CA THR A 411 -8.08 -6.25 0.54
C THR A 411 -6.90 -6.31 1.50
N TYR A 412 -6.54 -7.53 1.90
CA TYR A 412 -5.52 -7.72 2.94
C TYR A 412 -4.23 -8.35 2.44
N GLY A 413 -4.13 -8.60 1.14
CA GLY A 413 -3.01 -9.31 0.60
C GLY A 413 -2.96 -10.70 1.24
N PHE A 414 -1.78 -11.09 1.68
CA PHE A 414 -1.56 -12.35 2.38
C PHE A 414 -2.03 -12.30 3.82
N GLY A 415 -2.31 -11.06 4.30
CA GLY A 415 -2.86 -10.87 5.63
C GLY A 415 -2.23 -9.77 6.44
N LEU A 416 -2.62 -9.68 7.72
CA LEU A 416 -2.08 -8.65 8.62
C LEU A 416 -0.71 -9.10 9.13
N ILE A 417 0.25 -8.21 9.11
CA ILE A 417 1.57 -8.48 9.61
C ILE A 417 1.51 -9.09 11.01
N ASP A 418 2.28 -10.15 11.19
CA ASP A 418 2.52 -10.78 12.48
C ASP A 418 4.05 -10.88 12.64
N VAL A 419 4.65 -9.91 13.28
CA VAL A 419 6.11 -9.85 13.43
C VAL A 419 6.64 -11.03 14.23
N ASN A 420 5.98 -11.33 15.34
CA ASN A 420 6.41 -12.45 16.19
C ASN A 420 6.45 -13.75 15.40
N LYS A 421 5.39 -14.04 14.64
CA LYS A 421 5.39 -15.27 13.86
C LYS A 421 6.39 -15.26 12.69
N ALA A 422 6.58 -14.10 12.05
CA ALA A 422 7.57 -13.99 11.02
C ALA A 422 8.93 -14.38 11.62
N LEU A 423 9.21 -13.91 12.83
CA LEU A 423 10.51 -14.21 13.46
C LEU A 423 10.62 -15.72 13.81
N GLU A 424 9.50 -16.35 14.20
CA GLU A 424 9.44 -17.78 14.50
C GLU A 424 9.77 -18.54 13.22
N LEU A 425 9.22 -18.11 12.08
CA LEU A 425 9.47 -18.81 10.83
C LEU A 425 10.90 -18.57 10.38
N ALA A 426 11.46 -17.39 10.68
CA ALA A 426 12.76 -17.05 10.17
C ALA A 426 13.88 -17.92 10.74
N ALA A 427 13.69 -18.37 11.98
CA ALA A 427 14.69 -19.19 12.65
C ALA A 427 15.17 -20.40 11.85
N ASN A 428 14.29 -21.03 11.10
CA ASN A 428 14.64 -22.22 10.33
C ASN A 428 14.32 -22.06 8.85
N HIS A 429 14.17 -20.83 8.43
CA HIS A 429 13.89 -20.53 7.03
C HIS A 429 15.06 -20.90 6.12
N GLN A 430 14.75 -21.59 5.03
CA GLN A 430 15.75 -21.91 4.01
C GLN A 430 15.58 -20.91 2.88
N PRO A 431 16.64 -20.21 2.49
CA PRO A 431 16.45 -19.25 1.41
C PRO A 431 15.79 -19.83 0.16
N LEU A 432 14.98 -18.98 -0.45
CA LEU A 432 14.36 -19.32 -1.73
C LEU A 432 15.50 -19.40 -2.75
N PRO A 433 15.31 -20.21 -3.77
CA PRO A 433 16.19 -20.17 -4.94
C PRO A 433 16.24 -18.75 -5.56
N PRO A 434 17.26 -18.42 -6.35
CA PRO A 434 17.36 -17.06 -6.91
C PRO A 434 16.14 -16.65 -7.75
N LEU A 435 15.87 -15.35 -7.78
CA LEU A 435 14.80 -14.81 -8.63
C LEU A 435 15.09 -15.07 -10.13
N VAL A 436 14.06 -15.57 -10.79
CA VAL A 436 14.01 -15.69 -12.24
C VAL A 436 12.88 -14.78 -12.76
N GLN A 437 13.24 -13.90 -13.70
CA GLN A 437 12.31 -12.99 -14.34
C GLN A 437 12.18 -13.51 -15.78
N LEU A 438 11.08 -14.19 -16.08
CA LEU A 438 10.87 -14.77 -17.41
C LEU A 438 10.66 -13.65 -18.41
N PRO A 439 11.15 -13.85 -19.64
CA PRO A 439 10.96 -12.83 -20.68
C PRO A 439 9.47 -12.53 -20.85
N TRP A 440 9.18 -11.27 -21.13
CA TRP A 440 7.81 -10.89 -21.44
C TRP A 440 7.28 -11.71 -22.64
N GLN A 441 6.03 -12.16 -22.55
CA GLN A 441 5.35 -12.82 -23.67
C GLN A 441 4.21 -11.92 -24.08
N LYS A 442 4.30 -11.40 -25.31
CA LYS A 442 3.32 -10.47 -25.85
C LYS A 442 2.43 -11.13 -26.90
N ILE A 443 1.13 -10.95 -26.73
CA ILE A 443 0.13 -11.39 -27.67
C ILE A 443 -0.51 -10.18 -28.37
N ASN A 444 -0.46 -10.17 -29.68
CA ASN A 444 -1.06 -9.12 -30.50
C ASN A 444 -2.37 -9.67 -31.01
N VAL A 445 -3.49 -9.19 -30.46
CA VAL A 445 -4.76 -9.84 -30.76
C VAL A 445 -5.45 -9.28 -32.02
N THR A 446 -6.01 -10.21 -32.80
CA THR A 446 -6.62 -9.90 -34.09
C THR A 446 -7.97 -10.61 -34.26
N GLY A 447 -8.65 -10.27 -35.35
CA GLY A 447 -9.90 -10.93 -35.72
C GLY A 447 -11.05 -10.62 -34.78
N SER A 448 -12.06 -11.48 -34.82
CA SER A 448 -13.28 -11.27 -34.03
C SER A 448 -13.08 -11.67 -32.56
N ALA A 449 -11.98 -12.35 -32.27
CA ALA A 449 -11.57 -12.62 -30.89
C ALA A 449 -11.24 -11.34 -30.11
N ALA A 450 -11.05 -10.21 -30.80
CA ALA A 450 -10.69 -8.96 -30.12
C ALA A 450 -11.89 -8.27 -29.46
N ALA A 451 -13.10 -8.60 -29.90
CA ALA A 451 -14.30 -7.84 -29.53
C ALA A 451 -14.63 -8.02 -28.06
N ILE A 452 -15.00 -6.90 -27.42
CA ILE A 452 -15.50 -6.89 -26.04
C ILE A 452 -16.94 -6.39 -26.14
N ALA A 453 -17.91 -7.27 -25.98
CA ALA A 453 -19.31 -6.86 -26.11
C ALA A 453 -19.83 -6.16 -24.82
N ASP A 454 -20.89 -5.34 -24.94
CA ASP A 454 -21.27 -4.34 -23.89
C ASP A 454 -21.43 -4.81 -22.43
N VAL A 455 -22.23 -5.82 -22.26
CA VAL A 455 -22.57 -6.40 -20.99
C VAL A 455 -22.44 -7.87 -21.33
N GLY A 456 -21.20 -8.27 -21.53
CA GLY A 456 -20.91 -9.52 -22.20
C GLY A 456 -21.41 -10.72 -21.44
N ASN A 457 -21.85 -11.73 -22.16
CA ASN A 457 -22.28 -12.94 -21.50
C ASN A 457 -21.13 -13.84 -21.10
N SER A 458 -19.95 -13.59 -21.67
CA SER A 458 -18.74 -14.31 -21.34
C SER A 458 -17.60 -13.32 -21.51
N PRO A 459 -16.47 -13.49 -20.82
CA PRO A 459 -15.33 -12.61 -21.09
C PRO A 459 -14.73 -12.81 -22.47
N THR A 460 -14.06 -11.77 -22.92
CA THR A 460 -13.14 -11.85 -24.03
C THR A 460 -11.81 -12.37 -23.50
N SER A 461 -11.31 -13.44 -24.10
CA SER A 461 -10.13 -14.14 -23.58
C SER A 461 -9.01 -14.10 -24.58
N SER A 462 -7.81 -14.01 -24.05
CA SER A 462 -6.60 -14.12 -24.84
C SER A 462 -5.62 -14.87 -23.98
N THR A 463 -4.80 -15.72 -24.62
CA THR A 463 -3.98 -16.66 -23.90
C THR A 463 -2.54 -16.67 -24.36
N THR A 464 -1.69 -17.14 -23.47
CA THR A 464 -0.29 -17.41 -23.79
C THR A 464 0.24 -18.54 -22.91
N ARG A 465 1.07 -19.38 -23.48
CA ARG A 465 1.63 -20.52 -22.75
C ARG A 465 3.00 -20.22 -22.27
N ILE A 466 3.18 -20.37 -20.98
CA ILE A 466 4.51 -20.35 -20.36
C ILE A 466 5.04 -21.78 -20.41
N ALA A 467 6.12 -21.97 -21.14
CA ALA A 467 6.75 -23.29 -21.28
C ALA A 467 7.67 -23.68 -20.12
N THR A 468 8.19 -22.68 -19.43
CA THR A 468 9.27 -22.89 -18.47
C THR A 468 8.68 -23.35 -17.15
N PRO A 469 9.22 -24.42 -16.55
CA PRO A 469 8.77 -24.76 -15.20
C PRO A 469 9.32 -23.70 -14.25
N LEU A 470 8.46 -23.23 -13.36
CA LEU A 470 8.82 -22.21 -12.40
C LEU A 470 7.80 -22.17 -11.27
N THR A 471 8.23 -21.83 -10.06
CA THR A 471 7.28 -21.53 -9.00
C THR A 471 6.99 -20.04 -9.00
N VAL A 472 5.73 -19.63 -9.03
CA VAL A 472 5.50 -18.21 -9.16
C VAL A 472 5.56 -17.46 -7.85
N GLU A 473 6.15 -16.26 -7.94
CA GLU A 473 6.06 -15.26 -6.88
C GLU A 473 4.99 -14.22 -7.25
N ALA A 474 5.20 -13.54 -8.36
CA ALA A 474 4.28 -12.50 -8.83
C ALA A 474 4.17 -12.54 -10.35
N VAL A 475 3.08 -11.99 -10.85
CA VAL A 475 2.94 -11.83 -12.28
C VAL A 475 2.60 -10.41 -12.59
N GLN A 476 3.20 -9.91 -13.67
CA GLN A 476 2.90 -8.60 -14.21
C GLN A 476 2.22 -8.78 -15.55
N VAL A 477 1.28 -7.89 -15.83
CA VAL A 477 0.63 -7.85 -17.12
C VAL A 477 0.75 -6.41 -17.61
N MET A 478 0.84 -6.22 -18.93
CA MET A 478 0.51 -4.92 -19.55
C MET A 478 -0.66 -5.14 -20.51
N VAL A 479 -1.59 -4.20 -20.56
CA VAL A 479 -2.78 -4.39 -21.39
C VAL A 479 -3.05 -3.18 -22.26
N SER A 480 -3.40 -3.42 -23.52
CA SER A 480 -3.85 -2.38 -24.44
C SER A 480 -5.22 -2.75 -25.00
N LEU A 481 -6.18 -1.83 -24.95
CA LEU A 481 -7.50 -2.06 -25.51
C LEU A 481 -8.15 -0.71 -25.78
N ASP A 482 -9.15 -0.70 -26.65
CA ASP A 482 -10.04 0.44 -26.83
C ASP A 482 -11.39 0.20 -26.16
N HIS A 483 -11.86 1.20 -25.41
CA HIS A 483 -13.21 1.17 -24.88
C HIS A 483 -13.55 2.59 -24.46
N GLN A 484 -14.75 3.05 -24.80
CA GLN A 484 -15.14 4.44 -24.63
C GLN A 484 -15.58 4.78 -23.19
N ARG A 485 -15.72 3.76 -22.35
CA ARG A 485 -16.06 3.95 -20.93
C ARG A 485 -15.29 2.96 -20.04
N LEU A 486 -14.01 3.22 -19.86
CA LEU A 486 -13.11 2.29 -19.18
C LEU A 486 -13.62 1.62 -17.89
N PRO A 487 -14.28 2.33 -16.96
CA PRO A 487 -14.68 1.70 -15.70
C PRO A 487 -15.72 0.60 -15.87
N ASP A 488 -16.24 0.39 -17.06
CA ASP A 488 -17.11 -0.78 -17.26
C ASP A 488 -16.40 -2.12 -17.30
N LEU A 489 -15.07 -2.09 -17.38
CA LEU A 489 -14.28 -3.28 -17.64
C LEU A 489 -13.79 -3.96 -16.36
N LEU A 490 -13.99 -5.26 -16.36
CA LEU A 490 -13.45 -6.17 -15.37
C LEU A 490 -12.32 -6.92 -16.06
N ILE A 491 -11.13 -6.87 -15.47
CA ILE A 491 -9.94 -7.48 -16.08
C ILE A 491 -9.36 -8.50 -15.13
N GLU A 492 -9.29 -9.74 -15.59
CA GLU A 492 -8.86 -10.88 -14.78
C GLU A 492 -7.74 -11.61 -15.43
N LEU A 493 -6.98 -12.34 -14.61
CA LEU A 493 -5.93 -13.24 -15.09
C LEU A 493 -6.20 -14.62 -14.50
N VAL A 494 -6.09 -15.65 -15.33
CA VAL A 494 -6.32 -17.03 -14.92
C VAL A 494 -5.05 -17.85 -15.12
N SER A 495 -4.66 -18.61 -14.10
CA SER A 495 -3.41 -19.38 -14.16
C SER A 495 -3.67 -20.77 -14.77
N PRO A 496 -2.63 -21.51 -15.09
CA PRO A 496 -2.79 -22.88 -15.62
C PRO A 496 -3.61 -23.79 -14.71
N ALA A 497 -3.53 -23.57 -13.39
CA ALA A 497 -4.36 -24.31 -12.43
C ALA A 497 -5.81 -23.90 -12.42
N GLY A 498 -6.15 -22.80 -13.08
CA GLY A 498 -7.53 -22.33 -13.15
C GLY A 498 -7.85 -21.27 -12.09
N THR A 499 -6.83 -20.88 -11.34
CA THR A 499 -6.94 -19.84 -10.34
C THR A 499 -7.18 -18.48 -11.00
N ARG A 500 -8.11 -17.71 -10.46
CA ARG A 500 -8.41 -16.40 -11.01
C ARG A 500 -7.93 -15.28 -10.09
N SER A 501 -7.62 -14.14 -10.69
CA SER A 501 -7.24 -12.97 -9.93
C SER A 501 -7.78 -11.74 -10.66
N ILE A 502 -8.53 -10.91 -9.94
CA ILE A 502 -9.07 -9.69 -10.56
C ILE A 502 -7.98 -8.65 -10.53
N LEU A 503 -7.43 -8.35 -11.70
CA LEU A 503 -6.38 -7.33 -11.83
C LEU A 503 -6.90 -5.90 -11.78
N LEU A 504 -8.06 -5.67 -12.39
CA LEU A 504 -8.72 -4.40 -12.32
C LEU A 504 -10.20 -4.64 -12.10
N SER A 505 -10.69 -4.19 -10.96
CA SER A 505 -12.11 -4.18 -10.62
C SER A 505 -12.80 -3.03 -11.36
N PRO A 506 -14.04 -3.26 -11.79
CA PRO A 506 -14.81 -2.24 -12.51
C PRO A 506 -15.28 -1.09 -11.60
N PHE A 507 -15.73 0.00 -12.19
CA PHE A 507 -16.25 1.16 -11.46
C PHE A 507 -15.19 1.87 -10.65
N ASN A 508 -13.98 1.79 -11.16
CA ASN A 508 -12.83 2.50 -10.67
C ASN A 508 -12.84 3.96 -11.15
N SER A 509 -11.77 4.67 -10.82
CA SER A 509 -11.71 6.10 -11.03
C SER A 509 -11.29 6.52 -12.43
N LEU A 510 -11.19 5.58 -13.37
CA LEU A 510 -10.81 5.94 -14.75
C LEU A 510 -11.95 6.59 -15.53
N VAL A 511 -12.49 7.68 -14.97
CA VAL A 511 -13.66 8.35 -15.53
C VAL A 511 -13.27 9.52 -16.45
N GLY A 512 -11.98 9.61 -16.78
CA GLY A 512 -11.47 10.77 -17.49
C GLY A 512 -12.02 10.97 -18.88
N GLN A 513 -12.46 9.91 -19.53
CA GLN A 513 -13.14 10.03 -20.81
C GLN A 513 -14.40 10.88 -20.68
N SER A 514 -15.16 10.64 -19.63
CA SER A 514 -16.36 11.43 -19.36
C SER A 514 -16.01 12.86 -18.97
N LEU A 515 -14.98 13.01 -18.14
CA LEU A 515 -14.47 14.33 -17.78
C LEU A 515 -14.09 15.14 -19.03
N ASP A 516 -13.34 14.52 -19.94
CA ASP A 516 -12.92 15.16 -21.19
C ASP A 516 -14.11 15.60 -22.02
N GLN A 517 -15.10 14.74 -22.19
CA GLN A 517 -16.29 15.08 -22.98
C GLN A 517 -16.95 16.34 -22.43
N GLN A 518 -17.04 16.42 -21.10
CA GLN A 518 -17.70 17.54 -20.41
C GLN A 518 -16.94 18.85 -20.49
N GLN A 519 -15.62 18.84 -20.36
CA GLN A 519 -14.87 20.11 -20.37
C GLN A 519 -14.17 20.47 -21.69
N LEU A 520 -13.85 19.48 -22.50
CA LEU A 520 -13.17 19.70 -23.77
C LEU A 520 -14.11 19.59 -24.98
N GLY A 521 -15.12 18.73 -24.91
CA GLY A 521 -16.00 18.49 -26.05
C GLY A 521 -15.52 17.35 -26.93
N PHE A 522 -14.39 16.73 -26.56
CA PHE A 522 -13.89 15.53 -27.23
C PHE A 522 -13.18 14.67 -26.17
N VAL A 523 -12.81 13.44 -26.50
CA VAL A 523 -12.20 12.51 -25.53
C VAL A 523 -10.78 12.15 -25.96
N ARG A 524 -9.80 12.40 -25.09
CA ARG A 524 -8.41 12.13 -25.41
C ARG A 524 -7.99 10.65 -25.26
N THR A 525 -8.60 9.94 -24.34
CA THR A 525 -8.23 8.55 -24.05
C THR A 525 -9.07 7.54 -24.86
N LYS A 526 -8.42 6.78 -25.73
CA LYS A 526 -9.11 5.71 -26.50
C LYS A 526 -9.31 4.46 -25.66
N GLY A 527 -8.41 4.24 -24.72
CA GLY A 527 -8.48 3.09 -23.83
C GLY A 527 -7.20 2.88 -23.04
N LEU A 528 -6.90 1.63 -22.70
CA LEU A 528 -5.62 1.32 -22.05
C LEU A 528 -4.55 1.19 -23.10
N ARG A 529 -3.39 1.72 -22.75
CA ARG A 529 -2.17 1.60 -23.55
C ARG A 529 -1.01 1.16 -22.68
N ASP A 530 -0.69 -0.12 -22.75
CA ASP A 530 0.39 -0.70 -21.96
C ASP A 530 0.20 -0.39 -20.47
N MET A 531 -1.06 -0.43 -20.00
CA MET A 531 -1.30 -0.23 -18.57
C MET A 531 -0.78 -1.47 -17.82
N ARG A 532 0.09 -1.25 -16.84
CA ARG A 532 0.66 -2.34 -16.04
C ARG A 532 -0.18 -2.67 -14.80
N MET A 533 -0.36 -3.97 -14.54
CA MET A 533 -0.99 -4.49 -13.32
C MET A 533 -0.17 -5.67 -12.80
N LEU A 534 -0.30 -5.95 -11.51
CA LEU A 534 0.42 -7.08 -10.88
C LEU A 534 -0.54 -7.85 -9.98
N SER A 535 -0.35 -9.15 -9.89
CA SER A 535 -1.06 -9.98 -8.94
C SER A 535 -0.10 -10.80 -8.12
N ASN A 536 -0.38 -10.84 -6.81
CA ASN A 536 0.25 -11.73 -5.87
C ASN A 536 -0.55 -13.02 -5.59
N LYS A 537 -1.74 -13.15 -6.20
CA LYS A 537 -2.65 -14.24 -5.94
C LYS A 537 -2.06 -15.63 -6.21
N PHE A 538 -1.05 -15.70 -7.07
CA PHE A 538 -0.57 -16.98 -7.59
C PHE A 538 0.69 -17.48 -6.86
N TYR A 539 1.04 -16.83 -5.76
CA TYR A 539 2.26 -17.13 -5.03
C TYR A 539 2.35 -18.62 -4.64
N GLY A 540 3.36 -19.31 -5.16
CA GLY A 540 3.56 -20.73 -4.94
C GLY A 540 3.11 -21.68 -6.04
N GLU A 541 2.25 -21.19 -6.92
CA GLU A 541 1.72 -22.00 -8.03
C GLU A 541 2.79 -22.33 -9.08
N SER A 542 2.53 -23.39 -9.82
CA SER A 542 3.35 -23.74 -10.97
C SER A 542 3.10 -22.74 -12.15
N ALA A 543 4.15 -22.23 -12.78
CA ALA A 543 3.96 -21.29 -13.90
C ALA A 543 3.64 -21.98 -15.24
N GLN A 544 4.02 -23.25 -15.38
CA GLN A 544 3.98 -23.88 -16.70
C GLN A 544 2.57 -24.15 -17.11
N GLY A 545 2.23 -23.75 -18.34
CA GLY A 545 0.87 -23.89 -18.83
C GLY A 545 0.32 -22.60 -19.39
N THR A 546 -0.97 -22.64 -19.70
CA THR A 546 -1.63 -21.53 -20.34
C THR A 546 -2.21 -20.57 -19.33
N TRP A 547 -1.79 -19.32 -19.46
CA TRP A 547 -2.36 -18.19 -18.70
C TRP A 547 -3.36 -17.45 -19.59
N ARG A 548 -4.45 -16.96 -18.98
CA ARG A 548 -5.54 -16.36 -19.74
C ARG A 548 -5.86 -14.97 -19.20
N LEU A 549 -5.84 -13.99 -20.08
CA LEU A 549 -6.36 -12.66 -19.78
C LEU A 549 -7.81 -12.69 -20.16
N GLU A 550 -8.69 -12.28 -19.24
CA GLU A 550 -10.13 -12.26 -19.52
C GLU A 550 -10.68 -10.88 -19.19
N VAL A 551 -11.27 -10.23 -20.19
CA VAL A 551 -11.89 -8.93 -20.03
C VAL A 551 -13.38 -8.94 -20.33
N THR A 552 -14.17 -8.34 -19.43
CA THR A 552 -15.62 -8.26 -19.57
C THR A 552 -16.13 -6.83 -19.34
N ASP A 553 -17.01 -6.38 -20.22
CA ASP A 553 -17.78 -5.16 -19.99
C ASP A 553 -18.98 -5.58 -19.19
N VAL A 554 -19.12 -5.03 -17.99
CA VAL A 554 -20.14 -5.47 -17.03
C VAL A 554 -21.18 -4.39 -16.69
N ALA A 555 -21.35 -3.39 -17.56
CA ALA A 555 -22.24 -2.29 -17.19
C ALA A 555 -22.66 -1.48 -18.42
N ASN A 556 -23.97 -1.29 -18.57
CA ASN A 556 -24.48 -0.39 -19.59
C ASN A 556 -25.39 0.72 -19.06
N GLY A 557 -25.45 0.85 -17.73
CA GLY A 557 -26.24 1.90 -17.11
C GLY A 557 -25.46 3.19 -16.95
N THR A 558 -26.17 4.29 -16.77
CA THR A 558 -25.54 5.59 -16.52
C THR A 558 -25.05 5.66 -15.06
N ARG A 559 -23.97 6.39 -14.83
CA ARG A 559 -23.45 6.59 -13.48
C ARG A 559 -23.18 8.04 -13.27
N GLN A 560 -23.31 8.52 -12.03
CA GLN A 560 -22.92 9.89 -11.69
C GLN A 560 -21.72 9.93 -10.73
N VAL A 561 -20.88 10.92 -10.95
CA VAL A 561 -19.69 11.18 -10.15
C VAL A 561 -19.74 12.62 -9.65
N SER A 562 -19.58 12.80 -8.35
CA SER A 562 -19.51 14.11 -7.76
C SER A 562 -18.13 14.70 -7.91
N LEU A 563 -18.10 15.97 -8.34
CA LEU A 563 -16.87 16.71 -8.52
C LEU A 563 -16.78 17.93 -7.60
N LEU A 564 -15.66 18.08 -6.95
CA LEU A 564 -15.38 19.28 -6.16
C LEU A 564 -14.16 19.89 -6.81
N ASN A 565 -14.30 21.11 -7.31
CA ASN A 565 -13.20 21.79 -7.96
C ASN A 565 -12.23 22.24 -6.88
N ARG A 566 -10.98 21.81 -6.95
CA ARG A 566 -10.04 22.06 -5.85
C ARG A 566 -9.73 23.56 -5.66
N GLU A 567 -9.66 24.29 -6.76
CA GLU A 567 -9.38 25.74 -6.76
C GLU A 567 -10.58 26.57 -6.37
N THR A 568 -11.68 26.36 -7.09
CA THR A 568 -12.96 26.96 -6.78
C THR A 568 -13.61 25.77 -6.11
N ARG A 569 -13.90 25.85 -4.83
CA ARG A 569 -14.67 24.82 -4.15
C ARG A 569 -16.05 24.52 -4.80
N GLU A 570 -16.29 24.84 -6.08
CA GLU A 570 -17.59 24.60 -6.71
C GLU A 570 -17.88 23.09 -6.89
N ARG A 571 -19.10 22.68 -6.55
CA ARG A 571 -19.52 21.31 -6.76
C ARG A 571 -20.34 21.14 -8.06
N THR A 572 -20.01 20.12 -8.82
CA THR A 572 -20.69 19.76 -10.06
C THR A 572 -20.85 18.27 -10.12
N THR A 573 -21.57 17.82 -11.13
CA THR A 573 -21.86 16.40 -11.30
C THR A 573 -21.42 16.00 -12.69
N LEU A 574 -20.64 14.92 -12.73
CA LEU A 574 -20.19 14.27 -13.96
C LEU A 574 -21.05 13.06 -14.25
N THR A 575 -21.48 12.90 -15.50
CA THR A 575 -22.28 11.74 -15.91
C THR A 575 -21.47 10.88 -16.89
N GLU A 576 -21.28 9.62 -16.53
CA GLU A 576 -20.69 8.65 -17.44
C GLU A 576 -21.80 8.02 -18.25
N ARG A 577 -21.80 8.27 -19.55
CA ARG A 577 -22.76 7.63 -20.47
C ARG A 577 -22.14 6.36 -21.05
N ASN A 578 -22.97 5.36 -21.29
CA ASN A 578 -22.47 4.10 -21.81
C ASN A 578 -21.75 4.22 -23.15
N ASN A 579 -20.80 3.31 -23.39
CA ASN A 579 -20.02 3.31 -24.64
C ASN A 579 -20.82 3.35 -25.95
N ARG A 580 -21.78 2.45 -26.14
CA ARG A 580 -22.53 2.46 -27.44
C ARG A 580 -21.71 2.13 -28.73
N GLN A 581 -20.39 1.94 -28.64
CA GLN A 581 -19.68 1.11 -29.63
C GLN A 581 -18.91 0.06 -28.82
N PRO A 582 -18.82 -1.19 -29.30
CA PRO A 582 -18.10 -2.23 -28.56
C PRO A 582 -16.61 -1.92 -28.45
N GLY A 583 -16.00 -2.36 -27.36
CA GLY A 583 -14.56 -2.23 -27.16
C GLY A 583 -13.80 -3.29 -27.93
N LYS A 584 -12.49 -3.21 -27.86
CA LYS A 584 -11.57 -4.05 -28.64
C LYS A 584 -10.29 -4.26 -27.84
N LEU A 585 -9.93 -5.52 -27.61
CA LEU A 585 -8.62 -5.86 -27.06
C LEU A 585 -7.60 -5.73 -28.19
N ILE A 586 -6.48 -5.07 -27.90
CA ILE A 586 -5.43 -4.80 -28.87
C ILE A 586 -4.22 -5.71 -28.60
N SER A 587 -3.69 -5.69 -27.39
CA SER A 587 -2.57 -6.57 -27.05
C SER A 587 -2.44 -6.69 -25.56
N TRP A 588 -1.73 -7.73 -25.14
CA TRP A 588 -1.32 -7.83 -23.76
C TRP A 588 0.00 -8.58 -23.63
N SER A 589 0.68 -8.37 -22.50
CA SER A 589 1.98 -8.98 -22.27
C SER A 589 1.96 -9.61 -20.87
N LEU A 590 2.69 -10.71 -20.70
CA LEU A 590 2.74 -11.42 -19.39
C LEU A 590 4.18 -11.58 -18.97
N ARG A 591 4.47 -11.28 -17.71
CA ARG A 591 5.80 -11.50 -17.15
C ARG A 591 5.65 -12.26 -15.84
N VAL A 592 6.26 -13.43 -15.79
CA VAL A 592 6.21 -14.25 -14.60
C VAL A 592 7.54 -14.08 -13.87
N LEU A 593 7.44 -13.72 -12.58
CA LEU A 593 8.57 -13.52 -11.70
C LEU A 593 8.47 -14.64 -10.66
N GLY A 594 9.50 -15.46 -10.55
CA GLY A 594 9.48 -16.57 -9.61
C GLY A 594 10.83 -17.20 -9.39
N HIS A 595 10.86 -18.52 -9.18
CA HIS A 595 12.10 -19.22 -8.92
C HIS A 595 12.06 -20.70 -9.30
CA CA B . 10.03 7.87 23.11
CA CA C . -20.60 -0.67 -21.20
CA CA D . 3.07 20.24 17.02
#